data_7QLE
#
_entry.id   7QLE
#
_cell.length_a   130.127
_cell.length_b   39.036
_cell.length_c   60.058
_cell.angle_alpha   90.000
_cell.angle_beta   101.662
_cell.angle_gamma   90.000
#
_symmetry.space_group_name_H-M   'C 1 2 1'
#
loop_
_entity.id
_entity.type
_entity.pdbx_description
1 polymer 'S-layer protein'
2 water water
#
_entity_poly.entity_id   1
_entity_poly.type   'polypeptide(L)'
_entity_poly.pdbx_seq_one_letter_code
;MGHHHHHHHHHHSSGHIEGRHMATTINASSSAINTNTNAKYDVDVTPSVSAVAANTANNTPAIAGNLTGTISASYNGKTY
TANLKADTENATITAAGSTTAVKPAELAAGVAYTVTVNDVSFNFGSENAGKTVTLGSANSNVKFTGTNSDNQTETNVSTL
KVKLDQNGVASLTNVSIANVYAINTTDNS
;
_entity_poly.pdbx_strand_id   A,B
#
# COMPACT_ATOMS: atom_id res chain seq x y z
N ALA A 23 28.70 9.42 -15.59
CA ALA A 23 27.42 10.18 -15.76
C ALA A 23 27.69 11.42 -16.61
N THR A 24 27.27 11.42 -17.87
CA THR A 24 27.56 12.49 -18.86
C THR A 24 26.26 13.07 -19.42
N THR A 25 25.11 12.65 -18.91
CA THR A 25 23.79 12.87 -19.54
C THR A 25 22.91 13.73 -18.64
N ILE A 26 22.43 14.85 -19.20
CA ILE A 26 21.58 15.84 -18.50
C ILE A 26 20.25 15.16 -18.12
N ASN A 27 19.84 15.29 -16.86
CA ASN A 27 18.63 14.62 -16.34
C ASN A 27 18.07 15.47 -15.20
N ALA A 28 16.97 16.19 -15.46
CA ALA A 28 16.29 17.02 -14.44
C ALA A 28 15.16 16.21 -13.78
N SER A 29 14.93 14.96 -14.20
CA SER A 29 13.93 14.02 -13.60
C SER A 29 14.61 13.17 -12.51
N SER A 30 13.80 12.60 -11.61
CA SER A 30 14.23 11.76 -10.45
C SER A 30 14.74 10.37 -10.89
N SER A 31 14.52 9.98 -12.17
CA SER A 31 14.68 8.60 -12.69
C SER A 31 15.76 8.53 -13.77
N ALA A 32 16.51 7.42 -13.80
CA ALA A 32 17.75 7.19 -14.57
C ALA A 32 17.42 6.71 -15.98
N ILE A 33 18.17 7.17 -16.99
CA ILE A 33 18.05 6.73 -18.43
C ILE A 33 19.41 6.20 -18.90
N LYS A 40 14.14 5.09 -19.71
CA LYS A 40 14.20 5.76 -18.37
C LYS A 40 14.13 4.72 -17.24
N TYR A 41 14.72 3.53 -17.46
CA TYR A 41 14.72 2.34 -16.56
C TYR A 41 15.33 1.14 -17.28
N ASP A 42 16.00 0.23 -16.58
CA ASP A 42 16.73 -0.90 -17.23
C ASP A 42 15.97 -2.21 -17.00
N VAL A 43 14.87 -2.21 -16.25
CA VAL A 43 14.02 -3.42 -16.09
C VAL A 43 12.60 -3.10 -16.46
N ASP A 44 12.13 -3.63 -17.61
CA ASP A 44 10.73 -3.42 -18.12
C ASP A 44 9.83 -4.49 -17.50
N VAL A 45 8.95 -4.06 -16.59
CA VAL A 45 7.93 -4.94 -15.94
C VAL A 45 6.63 -4.87 -16.76
N THR A 46 6.08 -6.04 -17.09
CA THR A 46 4.89 -6.23 -17.96
C THR A 46 3.95 -7.20 -17.27
N PRO A 47 2.91 -6.69 -16.59
CA PRO A 47 1.82 -7.53 -16.13
C PRO A 47 0.92 -7.81 -17.34
N SER A 48 0.48 -9.07 -17.46
CA SER A 48 -0.55 -9.48 -18.43
C SER A 48 -1.70 -10.10 -17.61
N VAL A 49 -2.80 -9.37 -17.55
CA VAL A 49 -4.01 -9.75 -16.77
C VAL A 49 -5.16 -9.92 -17.76
N SER A 50 -6.04 -10.87 -17.47
CA SER A 50 -7.26 -11.15 -18.25
C SER A 50 -8.45 -11.14 -17.30
N ALA A 51 -9.31 -10.14 -17.43
CA ALA A 51 -10.52 -9.99 -16.61
C ALA A 51 -11.72 -10.35 -17.48
N VAL A 52 -12.58 -11.25 -16.98
CA VAL A 52 -13.85 -11.67 -17.65
C VAL A 52 -15.00 -11.21 -16.76
N ALA A 53 -15.95 -10.47 -17.32
CA ALA A 53 -17.11 -9.92 -16.59
C ALA A 53 -18.11 -11.04 -16.29
N ALA A 54 -18.85 -10.90 -15.19
CA ALA A 54 -20.01 -11.76 -14.84
C ALA A 54 -21.23 -11.36 -15.68
N ASN A 55 -22.22 -12.25 -15.80
CA ASN A 55 -23.39 -12.07 -16.70
C ASN A 55 -24.71 -11.96 -15.91
N THR A 56 -25.61 -11.05 -16.36
CA THR A 56 -26.99 -10.82 -15.83
C THR A 56 -28.03 -11.68 -16.58
N PRO A 61 -29.35 -17.80 -15.68
CA PRO A 61 -28.74 -16.84 -16.63
C PRO A 61 -27.42 -16.17 -16.18
N ALA A 62 -26.73 -16.73 -15.15
CA ALA A 62 -25.53 -16.17 -14.48
C ALA A 62 -24.24 -16.86 -14.95
N ILE A 63 -23.21 -16.08 -15.27
CA ILE A 63 -21.81 -16.56 -15.53
C ILE A 63 -20.90 -15.77 -14.59
N ALA A 64 -20.15 -16.47 -13.73
CA ALA A 64 -19.24 -15.86 -12.72
C ALA A 64 -18.09 -15.18 -13.46
N GLY A 65 -17.79 -13.94 -13.11
CA GLY A 65 -16.58 -13.25 -13.57
C GLY A 65 -15.34 -14.01 -13.12
N ASN A 66 -14.21 -13.75 -13.76
CA ASN A 66 -12.91 -14.32 -13.39
C ASN A 66 -11.83 -13.25 -13.61
N LEU A 67 -10.70 -13.39 -12.92
CA LEU A 67 -9.47 -12.60 -13.19
C LEU A 67 -8.26 -13.49 -12.97
N THR A 68 -7.32 -13.45 -13.93
CA THR A 68 -6.11 -14.30 -14.01
C THR A 68 -5.00 -13.45 -14.65
N GLY A 69 -3.74 -13.87 -14.51
CA GLY A 69 -2.60 -13.21 -15.15
C GLY A 69 -1.26 -13.59 -14.53
N THR A 70 -0.18 -13.13 -15.14
CA THR A 70 1.20 -13.23 -14.63
C THR A 70 1.90 -11.89 -14.77
N ILE A 71 3.10 -11.78 -14.17
CA ILE A 71 4.00 -10.60 -14.34
C ILE A 71 5.36 -11.07 -14.84
N SER A 72 5.83 -10.40 -15.90
CA SER A 72 7.07 -10.69 -16.65
C SER A 72 7.95 -9.46 -16.50
N ALA A 73 9.27 -9.65 -16.46
CA ALA A 73 10.24 -8.53 -16.53
C ALA A 73 11.31 -8.84 -17.56
N SER A 74 11.72 -7.84 -18.32
CA SER A 74 12.90 -7.88 -19.22
C SER A 74 14.10 -7.27 -18.49
N TYR A 75 15.26 -7.92 -18.56
CA TYR A 75 16.54 -7.44 -17.99
C TYR A 75 17.72 -8.11 -18.67
N ASN A 76 18.64 -7.32 -19.25
CA ASN A 76 19.82 -7.79 -20.02
C ASN A 76 19.39 -8.78 -21.09
N GLY A 77 18.32 -8.44 -21.82
CA GLY A 77 17.83 -9.19 -22.98
C GLY A 77 17.19 -10.52 -22.61
N LYS A 78 16.87 -10.72 -21.32
CA LYS A 78 16.22 -11.97 -20.82
C LYS A 78 14.86 -11.59 -20.20
N THR A 79 13.90 -12.52 -20.27
CA THR A 79 12.56 -12.42 -19.66
C THR A 79 12.53 -13.28 -18.40
N TYR A 80 11.87 -12.79 -17.35
CA TYR A 80 11.77 -13.44 -16.03
C TYR A 80 10.32 -13.36 -15.56
N THR A 81 9.79 -14.46 -15.06
CA THR A 81 8.42 -14.51 -14.50
C THR A 81 8.56 -14.17 -13.01
N ALA A 82 7.70 -13.29 -12.52
CA ALA A 82 7.66 -12.86 -11.11
C ALA A 82 7.17 -14.04 -10.26
N ASN A 83 7.66 -14.11 -9.01
CA ASN A 83 7.25 -15.05 -7.95
C ASN A 83 6.38 -14.27 -6.96
N LEU A 84 5.34 -14.90 -6.41
CA LEU A 84 4.40 -14.30 -5.42
C LEU A 84 4.54 -15.03 -4.07
N LYS A 85 4.12 -14.43 -2.96
CA LYS A 85 4.21 -15.06 -1.62
C LYS A 85 3.24 -16.23 -1.52
N ALA A 86 2.03 -16.08 -2.08
CA ALA A 86 0.90 -17.05 -1.95
C ALA A 86 0.26 -17.34 -3.31
N ASP A 87 -0.35 -18.51 -3.46
CA ASP A 87 -1.08 -18.92 -4.69
C ASP A 87 -2.56 -18.51 -4.56
N THR A 88 -2.95 -18.00 -3.38
CA THR A 88 -4.34 -17.64 -3.02
C THR A 88 -4.38 -16.24 -2.42
N GLU A 89 -5.37 -15.44 -2.79
CA GLU A 89 -5.63 -14.08 -2.24
C GLU A 89 -4.30 -13.33 -2.18
N ASN A 90 -3.62 -13.25 -3.33
CA ASN A 90 -2.28 -12.63 -3.48
C ASN A 90 -2.45 -11.32 -4.26
N ALA A 91 -3.68 -10.87 -4.48
CA ALA A 91 -4.01 -9.63 -5.21
C ALA A 91 -5.40 -9.16 -4.82
N THR A 92 -5.67 -7.88 -5.05
CA THR A 92 -6.88 -7.15 -4.64
C THR A 92 -7.30 -6.29 -5.83
N ILE A 93 -8.57 -6.33 -6.22
CA ILE A 93 -9.13 -5.50 -7.32
C ILE A 93 -9.92 -4.36 -6.67
N THR A 94 -9.79 -3.12 -7.14
CA THR A 94 -10.60 -2.01 -6.63
C THR A 94 -11.20 -1.24 -7.81
N ALA A 95 -12.44 -0.79 -7.64
CA ALA A 95 -13.07 0.23 -8.49
C ALA A 95 -12.70 1.57 -7.87
N ALA A 96 -12.86 2.67 -8.60
CA ALA A 96 -12.50 4.04 -8.12
C ALA A 96 -13.52 4.50 -7.07
N GLY A 97 -13.08 5.38 -6.18
CA GLY A 97 -13.83 5.87 -5.01
C GLY A 97 -13.59 5.02 -3.76
N SER A 98 -13.37 3.71 -3.92
CA SER A 98 -13.48 2.69 -2.84
C SER A 98 -12.19 1.87 -2.76
N THR A 99 -11.66 1.64 -1.56
CA THR A 99 -10.55 0.69 -1.30
C THR A 99 -11.10 -0.73 -1.19
N THR A 100 -12.44 -0.87 -1.23
CA THR A 100 -13.16 -2.14 -1.01
C THR A 100 -12.87 -3.14 -2.12
N ALA A 101 -12.27 -4.27 -1.75
CA ALA A 101 -12.01 -5.43 -2.64
C ALA A 101 -13.29 -5.79 -3.39
N VAL A 102 -13.18 -6.01 -4.70
CA VAL A 102 -14.28 -6.50 -5.57
C VAL A 102 -14.04 -7.98 -5.85
N LYS A 103 -14.99 -8.84 -5.53
CA LYS A 103 -14.95 -10.29 -5.86
C LYS A 103 -14.69 -10.46 -7.35
N PRO A 104 -13.72 -11.31 -7.78
CA PRO A 104 -13.54 -11.63 -9.20
C PRO A 104 -14.86 -12.08 -9.85
N ALA A 105 -15.73 -12.67 -9.03
CA ALA A 105 -17.00 -13.29 -9.42
C ALA A 105 -17.99 -12.23 -9.90
N GLU A 106 -17.87 -10.98 -9.45
CA GLU A 106 -18.91 -9.93 -9.69
C GLU A 106 -18.26 -8.72 -10.34
N LEU A 107 -17.25 -8.95 -11.18
CA LEU A 107 -16.69 -7.95 -12.14
C LEU A 107 -17.76 -7.58 -13.15
N ALA A 108 -17.83 -6.30 -13.53
CA ALA A 108 -18.79 -5.72 -14.50
C ALA A 108 -18.04 -5.14 -15.69
N ALA A 109 -18.57 -5.35 -16.89
CA ALA A 109 -18.05 -4.72 -18.11
C ALA A 109 -18.12 -3.22 -17.93
N GLY A 110 -17.12 -2.52 -18.49
CA GLY A 110 -17.16 -1.07 -18.70
C GLY A 110 -16.67 -0.28 -17.50
N VAL A 111 -16.29 -0.95 -16.43
CA VAL A 111 -15.76 -0.31 -15.20
C VAL A 111 -14.24 -0.47 -15.18
N ALA A 112 -13.53 0.63 -14.90
CA ALA A 112 -12.05 0.68 -14.75
C ALA A 112 -11.68 0.11 -13.39
N TYR A 113 -10.98 -1.04 -13.39
CA TYR A 113 -10.48 -1.70 -12.17
C TYR A 113 -8.98 -1.44 -12.07
N THR A 114 -8.48 -1.45 -10.84
CA THR A 114 -7.05 -1.44 -10.50
C THR A 114 -6.73 -2.75 -9.83
N VAL A 115 -5.65 -3.38 -10.25
CA VAL A 115 -5.25 -4.69 -9.68
C VAL A 115 -3.94 -4.46 -8.95
N THR A 116 -3.91 -4.78 -7.66
CA THR A 116 -2.74 -4.57 -6.79
C THR A 116 -2.26 -5.96 -6.39
N VAL A 117 -1.14 -6.41 -6.95
CA VAL A 117 -0.52 -7.73 -6.65
C VAL A 117 0.49 -7.50 -5.52
N ASN A 118 0.38 -8.27 -4.44
CA ASN A 118 1.19 -8.08 -3.21
C ASN A 118 2.39 -9.02 -3.26
N ASP A 119 3.50 -8.62 -2.65
CA ASP A 119 4.65 -9.48 -2.28
C ASP A 119 5.32 -10.05 -3.53
N VAL A 120 5.49 -9.20 -4.52
CA VAL A 120 6.07 -9.60 -5.82
C VAL A 120 7.58 -9.65 -5.64
N SER A 121 8.23 -10.63 -6.26
CA SER A 121 9.71 -10.70 -6.35
C SER A 121 10.13 -11.22 -7.72
N PHE A 122 11.34 -10.86 -8.13
CA PHE A 122 12.02 -11.38 -9.34
C PHE A 122 13.35 -11.99 -8.93
N ASN A 123 13.63 -13.18 -9.44
CA ASN A 123 14.90 -13.90 -9.28
C ASN A 123 15.73 -13.72 -10.55
N PHE A 124 16.54 -12.69 -10.60
CA PHE A 124 17.40 -12.36 -11.77
C PHE A 124 18.70 -13.15 -11.72
N GLY A 125 18.90 -14.00 -10.71
CA GLY A 125 20.01 -14.97 -10.67
C GLY A 125 21.24 -14.45 -9.95
N SER A 126 22.10 -15.37 -9.53
CA SER A 126 23.29 -15.11 -8.69
C SER A 126 24.32 -14.23 -9.41
N GLU A 127 24.43 -14.34 -10.73
CA GLU A 127 25.39 -13.55 -11.54
C GLU A 127 25.05 -12.06 -11.46
N ASN A 128 23.83 -11.70 -11.01
CA ASN A 128 23.34 -10.29 -10.92
C ASN A 128 23.22 -9.84 -9.46
N ALA A 129 23.83 -10.55 -8.52
CA ALA A 129 23.88 -10.14 -7.10
C ALA A 129 24.51 -8.74 -7.00
N GLY A 130 23.86 -7.85 -6.24
CA GLY A 130 24.39 -6.56 -5.78
C GLY A 130 24.31 -5.46 -6.81
N LYS A 131 23.68 -5.70 -7.96
CA LYS A 131 23.60 -4.67 -9.01
C LYS A 131 22.48 -3.73 -8.61
N THR A 132 22.65 -2.44 -8.88
CA THR A 132 21.59 -1.42 -8.67
C THR A 132 20.85 -1.26 -10.01
N VAL A 133 19.53 -1.43 -10.01
CA VAL A 133 18.72 -1.41 -11.27
C VAL A 133 17.53 -0.51 -11.05
N THR A 134 17.00 0.09 -12.12
CA THR A 134 15.73 0.83 -12.10
C THR A 134 14.65 -0.02 -12.78
N LEU A 135 13.58 -0.28 -12.04
CA LEU A 135 12.32 -0.91 -12.49
C LEU A 135 11.39 0.15 -13.05
N GLY A 136 10.82 -0.11 -14.22
CA GLY A 136 9.78 0.71 -14.86
C GLY A 136 8.89 -0.16 -15.75
N SER A 137 7.97 0.47 -16.49
CA SER A 137 7.07 -0.22 -17.44
C SER A 137 6.74 0.72 -18.58
N ALA A 138 6.74 0.21 -19.82
CA ALA A 138 6.27 0.90 -21.04
C ALA A 138 4.75 1.08 -20.97
N ASN A 139 4.12 0.53 -19.92
CA ASN A 139 2.69 0.70 -19.56
C ASN A 139 2.58 1.79 -18.48
N SER A 140 1.96 2.93 -18.79
CA SER A 140 1.73 4.07 -17.89
C SER A 140 0.84 3.68 -16.71
N ASN A 141 0.04 2.64 -16.86
CA ASN A 141 -0.97 2.23 -15.87
C ASN A 141 -0.33 1.39 -14.77
N VAL A 142 0.95 1.13 -14.86
CA VAL A 142 1.70 0.26 -13.90
C VAL A 142 2.49 1.11 -12.91
N LYS A 143 2.33 0.81 -11.63
CA LYS A 143 3.02 1.49 -10.51
C LYS A 143 3.66 0.46 -9.60
N PHE A 144 4.60 0.90 -8.77
CA PHE A 144 5.36 0.02 -7.86
C PHE A 144 5.33 0.63 -6.47
N THR A 145 5.41 -0.25 -5.48
CA THR A 145 5.58 0.09 -4.06
C THR A 145 6.69 -0.81 -3.51
N GLY A 146 7.72 -0.22 -2.91
CA GLY A 146 8.80 -1.03 -2.32
C GLY A 146 9.86 -0.18 -1.64
N THR A 147 10.94 -0.83 -1.19
CA THR A 147 12.15 -0.19 -0.61
C THR A 147 13.15 0.10 -1.74
N ASN A 148 13.67 1.32 -1.85
CA ASN A 148 14.59 1.71 -2.95
C ASN A 148 16.02 1.48 -2.46
N SER A 149 17.01 1.73 -3.31
CA SER A 149 18.43 1.46 -3.03
C SER A 149 18.93 2.34 -1.88
N ASP A 150 18.30 3.50 -1.63
CA ASP A 150 18.64 4.43 -0.52
C ASP A 150 17.87 4.05 0.76
N ASN A 151 17.13 2.94 0.71
CA ASN A 151 16.43 2.33 1.86
C ASN A 151 15.23 3.19 2.27
N GLN A 152 14.55 3.80 1.29
CA GLN A 152 13.30 4.58 1.49
C GLN A 152 12.14 3.83 0.84
N THR A 153 11.01 3.83 1.53
CA THR A 153 9.71 3.36 0.98
C THR A 153 9.17 4.41 0.01
N GLU A 154 8.84 3.94 -1.18
CA GLU A 154 8.15 4.71 -2.24
C GLU A 154 6.85 3.97 -2.52
N THR A 155 5.73 4.67 -2.63
CA THR A 155 4.41 4.09 -2.96
C THR A 155 3.90 4.61 -4.31
N ASN A 156 3.39 3.70 -5.15
CA ASN A 156 2.65 4.05 -6.40
C ASN A 156 3.51 4.96 -7.26
N VAL A 157 4.74 4.54 -7.53
CA VAL A 157 5.72 5.33 -8.33
C VAL A 157 5.94 4.57 -9.64
N SER A 158 6.31 5.32 -10.69
CA SER A 158 6.42 4.83 -12.08
C SER A 158 7.76 4.13 -12.23
N THR A 159 8.74 4.47 -11.40
CA THR A 159 10.05 3.81 -11.39
C THR A 159 10.52 3.64 -9.95
N LEU A 160 11.28 2.59 -9.70
CA LEU A 160 11.89 2.30 -8.38
C LEU A 160 13.31 1.80 -8.63
N LYS A 161 14.31 2.50 -8.09
CA LYS A 161 15.73 2.06 -8.15
C LYS A 161 15.91 1.10 -6.98
N VAL A 162 16.12 -0.20 -7.25
CA VAL A 162 16.46 -1.16 -6.17
C VAL A 162 17.89 -1.69 -6.32
N LYS A 163 18.44 -2.13 -5.21
CA LYS A 163 19.67 -2.95 -5.16
C LYS A 163 19.25 -4.41 -5.06
N LEU A 164 19.72 -5.23 -5.99
CA LEU A 164 19.48 -6.68 -5.96
C LEU A 164 20.30 -7.23 -4.80
N ASP A 165 19.76 -8.25 -4.12
CA ASP A 165 20.33 -8.79 -2.86
C ASP A 165 21.50 -9.71 -3.23
N GLN A 166 22.05 -10.45 -2.28
CA GLN A 166 23.24 -11.30 -2.56
C GLN A 166 22.86 -12.44 -3.50
N ASN A 167 21.60 -12.68 -3.84
CA ASN A 167 21.18 -13.76 -4.78
C ASN A 167 20.62 -13.22 -6.10
N GLY A 168 20.60 -11.90 -6.28
CA GLY A 168 20.05 -11.26 -7.48
C GLY A 168 18.53 -11.19 -7.45
N VAL A 169 17.92 -11.13 -6.26
CA VAL A 169 16.46 -11.03 -6.09
C VAL A 169 16.11 -9.57 -5.86
N ALA A 170 15.03 -9.13 -6.47
CA ALA A 170 14.39 -7.81 -6.25
C ALA A 170 13.03 -8.06 -5.62
N SER A 171 12.74 -7.43 -4.50
CA SER A 171 11.49 -7.66 -3.75
C SER A 171 10.64 -6.40 -3.81
N LEU A 172 9.33 -6.55 -3.92
CA LEU A 172 8.40 -5.40 -3.97
C LEU A 172 7.25 -5.63 -3.00
N THR A 173 6.82 -4.56 -2.35
CA THR A 173 5.65 -4.63 -1.46
C THR A 173 4.42 -4.88 -2.32
N ASN A 174 4.32 -4.24 -3.49
CA ASN A 174 3.27 -4.60 -4.47
C ASN A 174 3.61 -4.06 -5.85
N VAL A 175 2.85 -4.51 -6.85
CA VAL A 175 2.74 -3.90 -8.20
C VAL A 175 1.24 -3.68 -8.51
N SER A 176 0.86 -2.45 -8.87
CA SER A 176 -0.51 -2.01 -9.27
C SER A 176 -0.55 -1.97 -10.80
N ILE A 177 -1.69 -2.30 -11.38
CA ILE A 177 -1.97 -1.99 -12.81
C ILE A 177 -3.37 -1.43 -12.84
N ALA A 178 -3.54 -0.21 -13.33
CA ALA A 178 -4.82 0.53 -13.39
C ALA A 178 -5.44 0.26 -14.77
N ASN A 179 -6.70 0.67 -14.94
CA ASN A 179 -7.46 0.62 -16.21
C ASN A 179 -7.42 -0.78 -16.79
N VAL A 180 -7.72 -1.75 -15.94
CA VAL A 180 -8.11 -3.12 -16.35
C VAL A 180 -9.62 -3.17 -16.45
N TYR A 181 -10.14 -3.67 -17.57
CA TYR A 181 -11.58 -3.76 -17.89
C TYR A 181 -11.94 -5.25 -18.00
N ALA A 182 -13.03 -5.66 -17.37
CA ALA A 182 -13.57 -7.02 -17.49
C ALA A 182 -14.31 -7.09 -18.82
N ILE A 183 -13.99 -8.10 -19.63
CA ILE A 183 -14.59 -8.27 -20.98
C ILE A 183 -15.81 -9.19 -20.87
N ASN A 184 -16.90 -8.81 -21.53
CA ASN A 184 -18.17 -9.60 -21.60
C ASN A 184 -18.01 -10.63 -22.72
N THR A 185 -18.20 -11.91 -22.41
CA THR A 185 -18.15 -13.03 -23.39
C THR A 185 -19.44 -13.86 -23.25
N ALA B 23 -12.68 -21.03 23.96
CA ALA B 23 -13.62 -20.31 23.09
C ALA B 23 -15.04 -20.80 23.37
N THR B 24 -15.89 -19.95 23.93
CA THR B 24 -17.31 -20.27 24.21
C THR B 24 -18.23 -19.27 23.48
N THR B 25 -17.69 -18.39 22.64
CA THR B 25 -18.45 -17.27 22.05
C THR B 25 -18.65 -17.50 20.55
N ILE B 26 -19.92 -17.46 20.13
CA ILE B 26 -20.38 -17.48 18.73
C ILE B 26 -19.81 -16.26 18.01
N ASN B 27 -19.17 -16.49 16.87
CA ASN B 27 -18.46 -15.48 16.06
C ASN B 27 -18.44 -15.99 14.62
N ALA B 28 -19.26 -15.41 13.75
CA ALA B 28 -19.30 -15.75 12.31
C ALA B 28 -18.40 -14.80 11.52
N SER B 29 -17.78 -13.81 12.16
CA SER B 29 -16.83 -12.85 11.54
C SER B 29 -15.38 -13.38 11.65
N SER B 30 -14.49 -12.85 10.79
CA SER B 30 -13.04 -13.14 10.68
C SER B 30 -12.26 -12.69 11.93
N SER B 31 -12.84 -11.80 12.75
CA SER B 31 -12.13 -11.00 13.79
C SER B 31 -12.67 -11.30 15.18
N ALA B 32 -11.77 -11.33 16.18
CA ALA B 32 -12.00 -11.72 17.60
C ALA B 32 -12.51 -10.51 18.40
N ILE B 33 -13.45 -10.72 19.34
CA ILE B 33 -13.92 -9.69 20.31
C ILE B 33 -12.75 -9.32 21.26
N ALA B 39 -16.13 -5.33 21.59
CA ALA B 39 -14.77 -4.86 21.22
C ALA B 39 -14.51 -5.06 19.71
N LYS B 40 -14.53 -6.31 19.22
CA LYS B 40 -14.10 -6.79 17.87
C LYS B 40 -12.60 -6.51 17.61
N TYR B 41 -11.80 -6.21 18.65
CA TYR B 41 -10.32 -5.99 18.60
C TYR B 41 -9.80 -5.64 20.00
N ASP B 42 -8.54 -5.97 20.28
CA ASP B 42 -7.86 -5.76 21.58
C ASP B 42 -7.19 -4.37 21.60
N VAL B 43 -6.79 -3.86 20.45
CA VAL B 43 -5.89 -2.67 20.38
C VAL B 43 -6.55 -1.58 19.54
N ASP B 44 -7.01 -0.51 20.18
CA ASP B 44 -7.70 0.64 19.52
C ASP B 44 -6.63 1.63 19.03
N VAL B 45 -6.48 1.72 17.70
CA VAL B 45 -5.54 2.67 17.03
C VAL B 45 -6.32 3.94 16.70
N THR B 46 -5.75 5.08 17.10
CA THR B 46 -6.32 6.45 17.00
C THR B 46 -5.25 7.34 16.38
N PRO B 47 -5.37 7.63 15.08
CA PRO B 47 -4.54 8.64 14.44
C PRO B 47 -5.12 10.01 14.79
N SER B 48 -4.21 10.96 14.99
CA SER B 48 -4.47 12.39 15.20
C SER B 48 -3.73 13.18 14.11
N VAL B 49 -4.41 13.60 13.05
CA VAL B 49 -3.76 14.31 11.91
C VAL B 49 -4.36 15.72 11.79
N SER B 50 -3.55 16.68 11.42
CA SER B 50 -3.92 18.10 11.27
C SER B 50 -3.38 18.58 9.94
N ALA B 51 -4.27 18.79 8.98
CA ALA B 51 -3.92 19.26 7.62
C ALA B 51 -4.28 20.73 7.53
N VAL B 52 -3.36 21.53 6.99
CA VAL B 52 -3.51 23.00 6.81
C VAL B 52 -3.48 23.27 5.31
N ALA B 53 -4.50 23.91 4.77
CA ALA B 53 -4.61 24.23 3.33
C ALA B 53 -3.68 25.38 2.99
N ALA B 54 -3.16 25.40 1.76
CA ALA B 54 -2.34 26.50 1.21
C ALA B 54 -3.25 27.72 1.02
N ASN B 55 -2.84 28.84 1.55
CA ASN B 55 -3.61 30.11 1.49
C ASN B 55 -3.15 30.79 0.20
N THR B 56 -3.64 30.33 -0.96
CA THR B 56 -3.15 30.75 -2.31
C THR B 56 -3.19 32.28 -2.41
N ALA B 57 -4.19 32.91 -1.77
CA ALA B 57 -4.23 34.36 -1.43
C ALA B 57 -4.29 35.22 -2.70
N PRO B 61 1.90 36.71 -1.52
CA PRO B 61 1.04 36.40 -0.36
C PRO B 61 0.60 34.94 -0.20
N ALA B 62 1.19 33.99 -0.95
CA ALA B 62 0.91 32.52 -0.93
C ALA B 62 1.56 31.87 0.31
N ILE B 63 0.81 31.00 1.01
CA ILE B 63 1.25 30.32 2.25
C ILE B 63 1.08 28.81 2.04
N ALA B 64 2.18 28.07 2.17
CA ALA B 64 2.29 26.62 1.86
C ALA B 64 1.41 25.85 2.83
N GLY B 65 0.60 24.95 2.29
CA GLY B 65 -0.11 23.94 3.09
C GLY B 65 0.88 23.07 3.84
N ASN B 66 0.42 22.35 4.86
CA ASN B 66 1.23 21.25 5.43
C ASN B 66 0.30 20.27 6.13
N LEU B 67 0.87 19.15 6.56
CA LEU B 67 0.14 18.07 7.25
C LEU B 67 1.05 17.44 8.29
N THR B 68 0.53 17.23 9.49
CA THR B 68 1.28 16.78 10.70
C THR B 68 0.36 15.88 11.52
N GLY B 69 0.94 15.08 12.43
CA GLY B 69 0.15 14.21 13.33
C GLY B 69 0.94 13.03 13.86
N THR B 70 0.28 12.25 14.71
CA THR B 70 0.82 11.03 15.33
C THR B 70 -0.24 9.94 15.29
N ILE B 71 0.15 8.72 15.62
CA ILE B 71 -0.79 7.60 15.86
C ILE B 71 -0.55 7.03 17.25
N SER B 72 -1.65 6.88 17.98
CA SER B 72 -1.73 6.42 19.38
C SER B 72 -2.50 5.09 19.36
N ALA B 73 -2.13 4.15 20.20
CA ALA B 73 -2.90 2.91 20.42
C ALA B 73 -3.19 2.73 21.91
N SER B 74 -4.41 2.31 22.23
CA SER B 74 -4.79 1.82 23.59
C SER B 74 -4.66 0.30 23.63
N TYR B 75 -4.03 -0.27 24.68
CA TYR B 75 -3.84 -1.73 24.85
C TYR B 75 -3.61 -2.05 26.32
N ASN B 76 -4.46 -2.90 26.93
CA ASN B 76 -4.44 -3.25 28.37
C ASN B 76 -4.38 -1.98 29.20
N GLY B 77 -5.17 -0.96 28.87
CA GLY B 77 -5.30 0.28 29.67
C GLY B 77 -4.07 1.17 29.60
N LYS B 78 -3.16 0.91 28.66
CA LYS B 78 -1.94 1.73 28.42
C LYS B 78 -2.01 2.36 27.01
N THR B 79 -1.40 3.53 26.87
CA THR B 79 -1.32 4.31 25.60
C THR B 79 0.07 4.13 25.01
N TYR B 80 0.15 3.96 23.69
CA TYR B 80 1.44 3.75 22.97
C TYR B 80 1.47 4.67 21.75
N THR B 81 2.55 5.40 21.55
CA THR B 81 2.74 6.22 20.35
C THR B 81 3.44 5.33 19.34
N ALA B 82 2.93 5.33 18.11
CA ALA B 82 3.48 4.55 16.99
C ALA B 82 4.82 5.14 16.57
N ASN B 83 5.73 4.26 16.14
CA ASN B 83 7.09 4.58 15.66
C ASN B 83 7.10 4.42 14.15
N LEU B 84 7.82 5.27 13.43
CA LEU B 84 7.89 5.31 11.94
C LEU B 84 9.33 4.99 11.50
N LYS B 85 9.55 4.54 10.27
CA LYS B 85 10.91 4.20 9.76
C LYS B 85 11.73 5.48 9.56
N ALA B 86 11.10 6.54 9.06
CA ALA B 86 11.77 7.80 8.68
C ALA B 86 11.05 9.00 9.29
N ASP B 87 11.79 10.09 9.49
CA ASP B 87 11.27 11.36 10.03
C ASP B 87 10.75 12.23 8.87
N THR B 88 10.99 11.82 7.63
CA THR B 88 10.80 12.61 6.40
C THR B 88 10.19 11.71 5.32
N GLU B 89 9.22 12.24 4.56
CA GLU B 89 8.53 11.53 3.46
C GLU B 89 8.15 10.12 3.95
N ASN B 90 7.42 10.05 5.05
CA ASN B 90 7.04 8.76 5.71
C ASN B 90 5.53 8.55 5.52
N ALA B 91 4.89 9.37 4.69
CA ALA B 91 3.44 9.29 4.42
C ALA B 91 3.12 9.95 3.08
N THR B 92 2.01 9.54 2.47
CA THR B 92 1.54 10.05 1.17
C THR B 92 0.04 10.38 1.28
N ILE B 93 -0.35 11.48 0.65
CA ILE B 93 -1.75 11.99 0.63
C ILE B 93 -2.34 11.67 -0.76
N THR B 94 -3.59 11.25 -0.85
CA THR B 94 -4.27 11.12 -2.16
C THR B 94 -5.66 11.76 -2.05
N ALA B 95 -6.10 12.42 -3.12
CA ALA B 95 -7.51 12.82 -3.35
C ALA B 95 -8.17 11.60 -3.96
N ALA B 96 -9.50 11.51 -3.96
CA ALA B 96 -10.24 10.41 -4.63
C ALA B 96 -10.08 10.55 -6.16
N GLY B 97 -10.17 9.41 -6.87
CA GLY B 97 -9.90 9.31 -8.31
C GLY B 97 -8.47 8.88 -8.61
N SER B 98 -7.47 9.46 -7.92
CA SER B 98 -6.03 9.37 -8.30
C SER B 98 -5.20 8.81 -7.14
N THR B 99 -4.33 7.84 -7.44
CA THR B 99 -3.28 7.31 -6.52
C THR B 99 -2.09 8.28 -6.47
N THR B 100 -2.09 9.33 -7.28
CA THR B 100 -1.01 10.34 -7.37
C THR B 100 -0.89 11.15 -6.09
N ALA B 101 0.27 11.06 -5.45
CA ALA B 101 0.72 11.88 -4.31
C ALA B 101 0.35 13.35 -4.52
N VAL B 102 -0.24 13.99 -3.50
CA VAL B 102 -0.55 15.44 -3.47
C VAL B 102 0.46 16.12 -2.55
N LYS B 103 1.24 17.07 -3.06
CA LYS B 103 2.26 17.79 -2.26
C LYS B 103 1.57 18.44 -1.07
N PRO B 104 2.07 18.26 0.18
CA PRO B 104 1.51 18.93 1.36
C PRO B 104 1.38 20.43 1.13
N ALA B 105 2.26 20.98 0.29
CA ALA B 105 2.39 22.43 0.04
C ALA B 105 1.16 22.95 -0.70
N GLU B 106 0.45 22.13 -1.48
CA GLU B 106 -0.67 22.62 -2.33
C GLU B 106 -1.96 21.84 -2.04
N LEU B 107 -2.14 21.46 -0.78
CA LEU B 107 -3.43 21.02 -0.20
C LEU B 107 -4.45 22.14 -0.32
N ALA B 108 -5.70 21.76 -0.58
CA ALA B 108 -6.84 22.67 -0.78
C ALA B 108 -7.93 22.39 0.26
N ALA B 109 -8.55 23.45 0.74
CA ALA B 109 -9.76 23.38 1.59
C ALA B 109 -10.84 22.62 0.83
N GLY B 110 -11.68 21.88 1.54
CA GLY B 110 -12.95 21.33 1.03
C GLY B 110 -12.79 20.03 0.26
N VAL B 111 -11.57 19.50 0.15
CA VAL B 111 -11.28 18.22 -0.54
C VAL B 111 -11.04 17.15 0.52
N ALA B 112 -11.70 15.99 0.36
CA ALA B 112 -11.50 14.79 1.19
C ALA B 112 -10.20 14.09 0.74
N TYR B 113 -9.21 14.05 1.63
CA TYR B 113 -7.90 13.41 1.42
C TYR B 113 -7.86 12.10 2.19
N THR B 114 -7.05 11.16 1.71
CA THR B 114 -6.67 9.91 2.39
C THR B 114 -5.18 9.99 2.71
N VAL B 115 -4.81 9.62 3.93
CA VAL B 115 -3.41 9.73 4.39
C VAL B 115 -2.94 8.32 4.71
N THR B 116 -1.88 7.91 4.03
CA THR B 116 -1.33 6.55 4.15
C THR B 116 0.06 6.68 4.78
N VAL B 117 0.20 6.30 6.06
CA VAL B 117 1.47 6.36 6.83
C VAL B 117 2.14 5.00 6.66
N ASN B 118 3.40 4.99 6.23
CA ASN B 118 4.16 3.77 5.87
C ASN B 118 5.00 3.33 7.08
N ASP B 119 5.24 2.02 7.21
CA ASP B 119 6.27 1.37 8.05
C ASP B 119 5.98 1.68 9.52
N VAL B 120 4.72 1.56 9.90
CA VAL B 120 4.24 1.86 11.27
C VAL B 120 4.63 0.67 12.13
N SER B 121 5.07 0.94 13.37
CA SER B 121 5.23 -0.11 14.40
C SER B 121 4.73 0.42 15.75
N PHE B 122 4.36 -0.52 16.62
CA PHE B 122 4.11 -0.27 18.05
C PHE B 122 5.09 -1.12 18.85
N ASN B 123 5.67 -0.50 19.87
CA ASN B 123 6.48 -1.15 20.92
C ASN B 123 5.60 -1.36 22.16
N PHE B 124 4.94 -2.52 22.24
CA PHE B 124 4.04 -2.91 23.35
C PHE B 124 4.83 -3.46 24.54
N GLY B 125 6.17 -3.52 24.43
CA GLY B 125 7.08 -3.82 25.55
C GLY B 125 7.39 -5.31 25.67
N SER B 126 8.45 -5.64 26.40
CA SER B 126 8.95 -7.03 26.58
C SER B 126 7.89 -7.90 27.29
N GLU B 127 7.11 -7.31 28.21
CA GLU B 127 6.11 -8.09 28.98
C GLU B 127 4.99 -8.60 28.05
N ASN B 128 4.89 -8.07 26.83
CA ASN B 128 3.85 -8.44 25.83
C ASN B 128 4.45 -9.30 24.69
N ALA B 129 5.68 -9.81 24.85
CA ALA B 129 6.32 -10.69 23.84
C ALA B 129 5.42 -11.92 23.60
N GLY B 130 5.17 -12.25 22.32
CA GLY B 130 4.59 -13.52 21.86
C GLY B 130 3.07 -13.56 21.88
N LYS B 131 2.42 -12.47 22.30
CA LYS B 131 0.94 -12.44 22.39
C LYS B 131 0.39 -12.26 20.98
N THR B 132 -0.75 -12.87 20.69
CA THR B 132 -1.53 -12.61 19.45
C THR B 132 -2.57 -11.56 19.82
N VAL B 133 -2.60 -10.46 19.08
CA VAL B 133 -3.53 -9.33 19.35
C VAL B 133 -4.25 -8.97 18.06
N THR B 134 -5.43 -8.38 18.18
CA THR B 134 -6.16 -7.82 17.04
C THR B 134 -6.09 -6.30 17.17
N LEU B 135 -5.57 -5.65 16.12
CA LEU B 135 -5.57 -4.18 15.91
C LEU B 135 -6.88 -3.77 15.25
N GLY B 136 -7.52 -2.71 15.75
CA GLY B 136 -8.73 -2.10 15.17
C GLY B 136 -8.80 -0.62 15.49
N SER B 137 -9.92 0.03 15.17
CA SER B 137 -10.20 1.45 15.51
C SER B 137 -11.71 1.67 15.63
N ALA B 138 -12.12 2.43 16.65
CA ALA B 138 -13.50 2.95 16.86
C ALA B 138 -13.81 3.98 15.78
N ASN B 139 -12.79 4.34 14.97
CA ASN B 139 -12.89 5.25 13.80
C ASN B 139 -12.97 4.41 12.51
N SER B 140 -14.10 4.44 11.80
CA SER B 140 -14.29 3.59 10.60
C SER B 140 -13.48 4.20 9.42
N ASN B 141 -12.89 5.39 9.56
CA ASN B 141 -12.05 5.99 8.51
C ASN B 141 -10.67 5.33 8.46
N VAL B 142 -10.37 4.45 9.41
CA VAL B 142 -8.99 3.91 9.62
C VAL B 142 -8.90 2.48 9.09
N LYS B 143 -7.86 2.21 8.31
CA LYS B 143 -7.58 0.86 7.76
C LYS B 143 -6.12 0.48 8.04
N PHE B 144 -5.82 -0.80 7.89
CA PHE B 144 -4.50 -1.40 8.14
C PHE B 144 -4.07 -2.22 6.94
N THR B 145 -2.75 -2.30 6.74
CA THR B 145 -2.08 -3.18 5.76
C THR B 145 -0.86 -3.80 6.45
N GLY B 146 -0.74 -5.12 6.39
CA GLY B 146 0.42 -5.83 6.96
C GLY B 146 0.24 -7.34 6.86
N THR B 147 1.16 -8.08 7.44
CA THR B 147 1.15 -9.56 7.49
C THR B 147 0.54 -9.98 8.84
N ASN B 148 -0.45 -10.88 8.82
CA ASN B 148 -1.28 -11.27 9.99
C ASN B 148 -0.62 -12.45 10.68
N SER B 149 -1.22 -12.97 11.76
CA SER B 149 -0.63 -14.03 12.61
C SER B 149 -0.52 -15.34 11.81
N ASP B 150 -1.34 -15.52 10.77
CA ASP B 150 -1.31 -16.71 9.86
C ASP B 150 -0.34 -16.47 8.69
N ASN B 151 0.41 -15.37 8.72
CA ASN B 151 1.52 -15.08 7.77
C ASN B 151 0.96 -14.72 6.38
N GLN B 152 -0.20 -14.05 6.33
CA GLN B 152 -0.90 -13.63 5.10
C GLN B 152 -0.95 -12.11 5.07
N THR B 153 -0.75 -11.53 3.88
CA THR B 153 -0.83 -10.08 3.64
C THR B 153 -2.30 -9.71 3.51
N GLU B 154 -2.76 -8.74 4.29
CA GLU B 154 -4.11 -8.17 4.22
C GLU B 154 -3.95 -6.68 3.93
N THR B 155 -4.71 -6.14 2.99
CA THR B 155 -4.61 -4.70 2.60
C THR B 155 -5.94 -3.98 2.92
N ASN B 156 -5.84 -2.80 3.54
CA ASN B 156 -6.97 -1.85 3.71
C ASN B 156 -8.10 -2.57 4.43
N VAL B 157 -7.79 -3.16 5.57
CA VAL B 157 -8.74 -3.98 6.38
C VAL B 157 -8.96 -3.23 7.70
N SER B 158 -10.09 -3.46 8.35
CA SER B 158 -10.55 -2.70 9.54
C SER B 158 -9.88 -3.27 10.77
N THR B 159 -9.48 -4.53 10.70
CA THR B 159 -8.79 -5.23 11.79
C THR B 159 -7.70 -6.13 11.23
N LEU B 160 -6.63 -6.30 12.00
CA LEU B 160 -5.48 -7.15 11.62
C LEU B 160 -5.03 -7.90 12.87
N LYS B 161 -5.11 -9.23 12.84
CA LYS B 161 -4.66 -10.11 13.94
C LYS B 161 -3.18 -10.34 13.72
N VAL B 162 -2.32 -9.77 14.58
CA VAL B 162 -0.84 -9.97 14.48
C VAL B 162 -0.32 -10.69 15.72
N LYS B 163 0.82 -11.36 15.54
CA LYS B 163 1.59 -11.99 16.64
C LYS B 163 2.75 -11.04 16.98
N LEU B 164 2.82 -10.61 18.23
CA LEU B 164 3.92 -9.74 18.71
C LEU B 164 5.18 -10.62 18.78
N ASP B 165 6.33 -10.02 18.52
CA ASP B 165 7.63 -10.72 18.36
C ASP B 165 8.26 -10.93 19.74
N GLN B 166 9.52 -11.40 19.79
CA GLN B 166 10.41 -11.52 20.99
C GLN B 166 10.28 -10.33 21.94
N ASN B 167 10.09 -9.12 21.40
CA ASN B 167 10.22 -7.86 22.18
C ASN B 167 8.87 -7.13 22.36
N GLY B 168 7.77 -7.74 21.93
CA GLY B 168 6.42 -7.13 22.00
C GLY B 168 6.18 -6.09 20.93
N VAL B 169 6.81 -6.22 19.77
CA VAL B 169 6.66 -5.25 18.66
C VAL B 169 5.65 -5.82 17.65
N ALA B 170 4.80 -4.93 17.17
CA ALA B 170 3.85 -5.17 16.06
C ALA B 170 4.27 -4.27 14.90
N SER B 171 4.45 -4.83 13.71
CA SER B 171 4.89 -4.07 12.51
C SER B 171 3.75 -4.01 11.50
N LEU B 172 3.64 -2.89 10.80
CA LEU B 172 2.60 -2.70 9.78
C LEU B 172 3.23 -2.13 8.51
N THR B 173 2.72 -2.56 7.38
CA THR B 173 3.17 -2.02 6.10
C THR B 173 2.62 -0.59 6.02
N ASN B 174 1.40 -0.35 6.46
CA ASN B 174 0.90 1.05 6.57
C ASN B 174 -0.36 1.12 7.43
N VAL B 175 -0.71 2.35 7.80
CA VAL B 175 -2.04 2.73 8.32
C VAL B 175 -2.59 3.88 7.48
N SER B 176 -3.82 3.74 6.99
CA SER B 176 -4.49 4.78 6.16
C SER B 176 -5.63 5.36 6.98
N ILE B 177 -5.86 6.63 6.80
CA ILE B 177 -7.02 7.32 7.42
C ILE B 177 -7.67 8.15 6.31
N ALA B 178 -8.97 7.94 6.11
CA ALA B 178 -9.72 8.57 5.00
C ALA B 178 -10.34 9.86 5.53
N ASN B 179 -10.87 10.68 4.60
CA ASN B 179 -11.76 11.84 4.90
C ASN B 179 -11.08 12.78 5.88
N VAL B 180 -9.80 13.05 5.63
CA VAL B 180 -9.03 14.18 6.23
C VAL B 180 -9.24 15.42 5.36
N TYR B 181 -9.57 16.55 5.99
CA TYR B 181 -9.77 17.87 5.33
C TYR B 181 -8.62 18.80 5.73
N ALA B 182 -8.01 19.48 4.75
CA ALA B 182 -7.07 20.59 5.01
C ALA B 182 -7.88 21.82 5.40
N ILE B 183 -7.55 22.43 6.53
CA ILE B 183 -8.29 23.62 7.05
C ILE B 183 -7.58 24.88 6.56
N ASN B 184 -8.35 25.84 6.06
CA ASN B 184 -7.88 27.17 5.63
C ASN B 184 -7.78 28.04 6.88
N THR B 185 -6.60 28.59 7.11
CA THR B 185 -6.22 29.22 8.39
C THR B 185 -6.85 30.61 8.57
N THR B 186 -7.15 31.33 7.49
CA THR B 186 -7.70 32.71 7.62
C THR B 186 -9.06 32.68 8.32
N ASP B 187 -9.40 33.80 8.97
CA ASP B 187 -10.72 34.03 9.63
C ASP B 187 -11.51 35.01 8.74
N ASN B 188 -12.68 34.59 8.21
CA ASN B 188 -13.45 35.34 7.17
C ASN B 188 -14.96 35.37 7.50
#